data_1AIS
#
_entry.id   1AIS
#
_cell.length_a   125.700
_cell.length_b   91.200
_cell.length_c   74.200
_cell.angle_alpha   90.00
_cell.angle_beta   122.70
_cell.angle_gamma   90.00
#
_symmetry.space_group_name_H-M   'C 1 2 1'
#
loop_
_entity.id
_entity.type
_entity.pdbx_description
1 polymer "DNA (5'-D(*AP*AP*CP*TP*TP*AP*CP*TP*TP*TP*(5IU)P*(5IU)P*AP*AP*AP*GP*C)-3')"
2 polymer "DNA (5'-D(*GP*CP*TP*TP*TP*AP*AP*AP*AP*AP*GP*TP*AP*AP*GP*TP*T )-3')"
3 polymer 'PROTEIN (TATA-BINDING PROTEIN)'
4 polymer 'PROTEIN (TRANSCRIPTION INITIATION FACTOR IIB)'
5 water water
#
loop_
_entity_poly.entity_id
_entity_poly.type
_entity_poly.pdbx_seq_one_letter_code
_entity_poly.pdbx_strand_id
1 'polydeoxyribonucleotide' (DA)(DA)(DC)(DT)(DT)(DA)(DC)(DT)(DT)(DT)(5IU)(5IU)(DA)(DA)(DA)(DG)(DC) C
2 'polydeoxyribonucleotide' (DG)(DC)(DT)(DT)(DT)(DA)(DA)(DA)(DA)(DA)(DG)(DT)(DA)(DA)(DG)(DT)(DT) E
3 'polypeptide(L)'
;MVDMSKVKLRIENIVASVDLFAQLDLEKVLDLCPNSKYNPEEFPGIICHLDDPKVALLIFSSGKLVVTGAKSVQDIERAV
AKLAQKLKSIGVKFKRAPQIDVQNMVFSGDIGREFNLDVVALTLPNCEYEPEQFPGVIYRVKEPKSVILLFSSGKIVCSG
AKSEADAWEAVRKLLRELDKYL
;
A
4 'polypeptide(L)'
;VSDAAERNLAFALSELDRITAQLKLPRHVEEEAARLYREAVRKGLIRGRSIESVMAACVYAACRLLKVPRTLDEIADIAR
VDKKEIGRSYRFIARNLNLTPKKLFVKPTDYVNKFADELGLSEKVRRRAIEILDEAYKRGLTSGKSPAGLVAAALYIASL
LEGEKRTQREVAEVARVTEVTVRNRYKELVEKLKIKVPIA
;
B
#
# COMPACT_ATOMS: atom_id res chain seq x y z
N MET C 1 12.97 27.53 -11.38
CA MET C 1 12.09 27.07 -10.26
C MET C 1 11.27 25.83 -10.70
N VAL C 2 10.69 25.09 -9.73
CA VAL C 2 9.89 23.90 -10.05
C VAL C 2 8.54 24.23 -10.70
N ASP C 3 8.36 23.63 -11.87
CA ASP C 3 7.19 23.79 -12.73
C ASP C 3 5.95 23.10 -12.21
N MET C 4 5.03 23.87 -11.64
CA MET C 4 3.77 23.36 -11.11
C MET C 4 2.63 23.74 -12.05
N SER C 5 2.94 24.25 -13.24
CA SER C 5 1.91 24.67 -14.17
C SER C 5 0.91 23.62 -14.63
N LYS C 6 1.20 22.35 -14.38
CA LYS C 6 0.28 21.27 -14.76
C LYS C 6 -0.27 20.53 -13.54
N VAL C 7 0.11 20.94 -12.33
CA VAL C 7 -0.42 20.25 -11.15
C VAL C 7 -1.88 20.62 -10.85
N LYS C 8 -2.69 19.62 -10.55
CA LYS C 8 -4.08 19.88 -10.25
C LYS C 8 -4.43 19.06 -9.03
N LEU C 9 -4.92 19.73 -7.98
CA LEU C 9 -5.31 19.07 -6.73
C LEU C 9 -6.79 19.30 -6.44
N ARG C 10 -7.42 18.30 -5.85
CA ARG C 10 -8.83 18.32 -5.50
C ARG C 10 -9.02 17.82 -4.05
N ILE C 11 -9.74 18.59 -3.22
CA ILE C 11 -10.02 18.17 -1.84
C ILE C 11 -10.99 16.99 -1.87
N GLU C 12 -10.64 15.91 -1.19
CA GLU C 12 -11.50 14.76 -1.16
C GLU C 12 -12.07 14.53 0.23
N ASN C 13 -11.31 14.94 1.24
CA ASN C 13 -11.76 14.75 2.61
C ASN C 13 -11.06 15.73 3.54
N ILE C 14 -11.81 16.26 4.50
CA ILE C 14 -11.23 17.17 5.49
C ILE C 14 -11.66 16.64 6.84
N VAL C 15 -10.68 16.49 7.73
CA VAL C 15 -10.91 15.97 9.09
C VAL C 15 -10.66 17.09 10.07
N ALA C 16 -11.62 17.36 10.94
CA ALA C 16 -11.46 18.42 11.92
C ALA C 16 -11.82 17.97 13.31
N SER C 17 -11.08 18.47 14.30
CA SER C 17 -11.39 18.18 15.71
C SER C 17 -12.13 19.47 16.15
N VAL C 18 -13.11 19.31 17.02
CA VAL C 18 -13.92 20.44 17.45
C VAL C 18 -14.14 20.38 18.94
N ASP C 19 -14.25 21.54 19.56
CA ASP C 19 -14.50 21.57 20.98
C ASP C 19 -15.76 22.41 21.17
N LEU C 20 -16.79 21.78 21.72
CA LEU C 20 -18.07 22.45 21.98
C LEU C 20 -18.11 23.16 23.34
N PHE C 21 -17.12 22.87 24.20
CA PHE C 21 -17.02 23.45 25.54
C PHE C 21 -18.22 23.19 26.42
N ALA C 22 -18.54 21.91 26.58
CA ALA C 22 -19.67 21.48 27.37
C ALA C 22 -19.51 20.00 27.62
N GLN C 23 -20.01 19.54 28.76
CA GLN C 23 -19.97 18.14 29.07
C GLN C 23 -21.17 17.57 28.33
N LEU C 24 -21.01 16.39 27.73
CA LEU C 24 -22.09 15.74 27.02
C LEU C 24 -22.49 14.39 27.60
N ASP C 25 -23.79 14.16 27.65
CA ASP C 25 -24.34 12.93 28.17
C ASP C 25 -24.68 12.12 26.94
N LEU C 26 -23.75 11.29 26.50
CA LEU C 26 -23.96 10.50 25.30
C LEU C 26 -25.26 9.69 25.18
N GLU C 27 -25.79 9.17 26.30
CA GLU C 27 -27.03 8.39 26.24
C GLU C 27 -28.19 9.27 25.75
N LYS C 28 -28.13 10.56 26.09
CA LYS C 28 -29.13 11.56 25.71
C LYS C 28 -28.88 12.19 24.33
N VAL C 29 -27.66 12.12 23.85
CA VAL C 29 -27.30 12.66 22.54
C VAL C 29 -27.72 11.71 21.42
N LEU C 30 -27.94 10.45 21.76
CA LEU C 30 -28.33 9.43 20.79
C LEU C 30 -29.65 9.69 20.09
N ASP C 31 -30.58 10.34 20.79
CA ASP C 31 -31.91 10.66 20.27
C ASP C 31 -31.82 11.75 19.23
N LEU C 32 -30.79 12.57 19.36
CA LEU C 32 -30.51 13.66 18.44
C LEU C 32 -30.03 13.16 17.08
N CYS C 33 -29.26 12.07 17.08
CA CYS C 33 -28.74 11.53 15.83
C CYS C 33 -29.43 10.25 15.38
N PRO C 34 -30.28 10.35 14.35
CA PRO C 34 -30.98 9.17 13.85
C PRO C 34 -29.95 8.20 13.28
N ASN C 35 -30.09 6.91 13.58
CA ASN C 35 -29.16 5.87 13.07
C ASN C 35 -27.79 5.81 13.74
N SER C 36 -27.52 6.70 14.68
CA SER C 36 -26.24 6.73 15.38
C SER C 36 -25.86 5.40 16.02
N LYS C 37 -24.56 5.07 16.00
CA LYS C 37 -24.06 3.85 16.63
C LYS C 37 -23.22 4.26 17.83
N TYR C 38 -23.36 3.53 18.93
CA TYR C 38 -22.60 3.83 20.15
C TYR C 38 -22.39 2.56 20.92
N ASN C 39 -21.12 2.16 21.01
CA ASN C 39 -20.72 0.98 21.77
C ASN C 39 -19.54 1.48 22.56
N PRO C 40 -19.79 2.02 23.76
CA PRO C 40 -18.76 2.56 24.64
C PRO C 40 -17.65 1.57 24.99
N GLU C 41 -17.92 0.28 24.79
CA GLU C 41 -16.93 -0.76 25.06
C GLU C 41 -15.81 -0.71 24.04
N GLU C 42 -16.18 -0.70 22.75
CA GLU C 42 -15.21 -0.68 21.65
C GLU C 42 -14.66 0.70 21.25
N PHE C 43 -15.45 1.75 21.47
CA PHE C 43 -15.02 3.10 21.12
C PHE C 43 -15.86 4.06 21.95
N PRO C 44 -15.22 5.00 22.66
CA PRO C 44 -15.87 6.00 23.51
C PRO C 44 -16.86 7.03 22.93
N GLY C 45 -16.94 7.17 21.60
CA GLY C 45 -17.84 8.17 21.08
C GLY C 45 -18.99 7.67 20.23
N ILE C 46 -20.00 8.53 20.05
CA ILE C 46 -21.13 8.20 19.17
C ILE C 46 -20.68 8.37 17.71
N ILE C 47 -21.07 7.45 16.85
CA ILE C 47 -20.74 7.53 15.44
C ILE C 47 -22.04 8.04 14.83
N CYS C 48 -22.02 9.31 14.43
CA CYS C 48 -23.18 9.95 13.85
C CYS C 48 -22.91 10.23 12.36
N HIS C 49 -23.91 10.04 11.52
CA HIS C 49 -23.79 10.30 10.09
C HIS C 49 -24.82 11.31 9.68
N LEU C 50 -24.37 12.49 9.26
CA LEU C 50 -25.28 13.54 8.80
C LEU C 50 -25.57 13.36 7.30
N ASP C 51 -26.78 13.75 6.90
CA ASP C 51 -27.22 13.66 5.51
C ASP C 51 -26.93 14.96 4.78
N ASP C 52 -27.36 16.08 5.36
CA ASP C 52 -27.16 17.38 4.73
C ASP C 52 -25.67 17.52 4.58
N PRO C 53 -24.95 18.18 5.52
CA PRO C 53 -23.54 18.12 5.10
C PRO C 53 -23.30 16.62 5.32
N LYS C 54 -23.07 15.87 4.24
CA LYS C 54 -22.85 14.43 4.39
C LYS C 54 -21.49 14.22 5.04
N VAL C 55 -21.50 14.11 6.36
CA VAL C 55 -20.27 13.94 7.09
C VAL C 55 -20.53 13.02 8.24
N ALA C 56 -19.46 12.41 8.75
CA ALA C 56 -19.55 11.54 9.91
C ALA C 56 -19.08 12.42 11.08
N LEU C 57 -19.69 12.23 12.24
CA LEU C 57 -19.36 12.97 13.44
C LEU C 57 -19.12 11.95 14.53
N LEU C 58 -17.99 12.06 15.21
CA LEU C 58 -17.67 11.18 16.33
C LEU C 58 -17.86 12.14 17.50
N ILE C 59 -18.81 11.82 18.39
CA ILE C 59 -19.18 12.69 19.52
C ILE C 59 -18.75 12.10 20.87
N PHE C 60 -17.97 12.87 21.64
CA PHE C 60 -17.44 12.42 22.94
C PHE C 60 -18.04 13.16 24.14
N SER C 61 -18.11 12.47 25.29
CA SER C 61 -18.66 13.05 26.52
C SER C 61 -17.95 14.31 27.02
N SER C 62 -16.75 14.54 26.51
CA SER C 62 -15.96 15.72 26.89
C SER C 62 -16.38 16.93 26.09
N GLY C 63 -17.37 16.77 25.20
CA GLY C 63 -17.83 17.88 24.38
C GLY C 63 -16.97 18.09 23.15
N LYS C 64 -16.00 17.19 22.93
CA LYS C 64 -15.13 17.25 21.77
C LYS C 64 -15.71 16.34 20.72
N LEU C 65 -15.49 16.69 19.46
CA LEU C 65 -16.00 15.92 18.33
C LEU C 65 -14.95 15.89 17.26
N VAL C 66 -15.10 14.94 16.36
CA VAL C 66 -14.23 14.86 15.21
C VAL C 66 -15.23 14.83 14.05
N VAL C 67 -14.98 15.66 13.04
CA VAL C 67 -15.85 15.69 11.88
C VAL C 67 -15.01 15.21 10.68
N THR C 68 -15.49 14.17 9.98
CA THR C 68 -14.81 13.65 8.77
C THR C 68 -15.81 13.52 7.63
N GLY C 69 -15.29 13.41 6.42
CA GLY C 69 -16.13 13.28 5.24
C GLY C 69 -16.41 14.63 4.59
N ALA C 70 -16.02 15.71 5.27
CA ALA C 70 -16.21 17.07 4.82
C ALA C 70 -15.40 17.38 3.55
N LYS C 71 -16.06 18.03 2.59
CA LYS C 71 -15.40 18.39 1.34
C LYS C 71 -14.98 19.86 1.41
N SER C 72 -15.45 20.54 2.46
CA SER C 72 -15.10 21.93 2.66
C SER C 72 -15.19 22.30 4.13
N VAL C 73 -14.66 23.47 4.46
CA VAL C 73 -14.73 23.99 5.83
C VAL C 73 -16.18 24.34 6.12
N GLN C 74 -16.90 24.80 5.10
CA GLN C 74 -18.29 25.13 5.25
C GLN C 74 -19.08 23.88 5.62
N ASP C 75 -18.67 22.73 5.11
CA ASP C 75 -19.33 21.48 5.47
C ASP C 75 -19.23 21.29 6.98
N ILE C 76 -18.03 21.52 7.52
CA ILE C 76 -17.74 21.36 8.95
C ILE C 76 -18.48 22.38 9.83
N GLU C 77 -18.53 23.64 9.38
CA GLU C 77 -19.20 24.70 10.10
C GLU C 77 -20.67 24.39 10.26
N ARG C 78 -21.30 23.97 9.18
CA ARG C 78 -22.70 23.64 9.19
C ARG C 78 -23.06 22.41 10.04
N ALA C 79 -22.17 21.42 10.09
CA ALA C 79 -22.37 20.19 10.86
C ALA C 79 -22.32 20.49 12.34
N VAL C 80 -21.40 21.39 12.68
CA VAL C 80 -21.20 21.81 14.06
C VAL C 80 -22.42 22.63 14.51
N ALA C 81 -22.90 23.52 13.64
CA ALA C 81 -24.05 24.35 13.95
C ALA C 81 -25.35 23.56 14.14
N LYS C 82 -25.54 22.50 13.35
CA LYS C 82 -26.75 21.69 13.46
C LYS C 82 -26.74 20.89 14.73
N LEU C 83 -25.59 20.30 15.04
CA LEU C 83 -25.43 19.51 16.26
C LEU C 83 -25.57 20.41 17.47
N ALA C 84 -24.94 21.58 17.39
CA ALA C 84 -24.99 22.53 18.49
C ALA C 84 -26.42 22.94 18.78
N GLN C 85 -27.21 23.17 17.73
CA GLN C 85 -28.59 23.56 17.99
C GLN C 85 -29.36 22.41 18.60
N LYS C 86 -29.19 21.21 18.07
CA LYS C 86 -29.86 20.02 18.61
C LYS C 86 -29.50 19.86 20.10
N LEU C 87 -28.24 20.05 20.44
CA LEU C 87 -27.79 19.92 21.82
C LEU C 87 -28.53 20.95 22.69
N LYS C 88 -28.61 22.19 22.20
CA LYS C 88 -29.31 23.27 22.91
C LYS C 88 -30.74 22.83 23.15
N SER C 89 -31.35 22.19 22.16
CA SER C 89 -32.73 21.73 22.26
C SER C 89 -32.95 20.71 23.39
N ILE C 90 -31.85 20.15 23.89
CA ILE C 90 -31.89 19.12 24.94
C ILE C 90 -31.34 19.61 26.28
N GLY C 91 -31.10 20.91 26.36
CA GLY C 91 -30.62 21.49 27.59
C GLY C 91 -29.16 21.88 27.68
N VAL C 92 -28.35 21.49 26.70
CA VAL C 92 -26.93 21.83 26.80
C VAL C 92 -26.64 23.30 26.65
N LYS C 93 -25.74 23.79 27.50
CA LYS C 93 -25.33 25.19 27.43
C LYS C 93 -23.82 25.16 27.24
N PHE C 94 -23.33 26.05 26.36
CA PHE C 94 -21.91 26.10 26.03
C PHE C 94 -21.23 27.35 26.58
N LYS C 95 -20.03 27.15 27.13
CA LYS C 95 -19.25 28.23 27.73
C LYS C 95 -18.77 29.28 26.71
N ARG C 96 -18.68 28.89 25.45
CA ARG C 96 -18.26 29.78 24.37
C ARG C 96 -18.47 29.12 23.02
N ALA C 97 -18.22 29.88 21.95
CA ALA C 97 -18.42 29.35 20.59
C ALA C 97 -17.51 28.15 20.28
N PRO C 98 -17.94 27.29 19.35
CA PRO C 98 -17.16 26.10 18.96
C PRO C 98 -15.75 26.39 18.43
N GLN C 99 -14.76 25.63 18.87
CA GLN C 99 -13.39 25.78 18.41
C GLN C 99 -13.17 24.68 17.34
N ILE C 100 -12.94 25.10 16.10
CA ILE C 100 -12.76 24.17 15.00
C ILE C 100 -11.35 24.18 14.47
N ASP C 101 -10.71 23.00 14.47
CA ASP C 101 -9.35 22.87 13.97
C ASP C 101 -9.22 21.76 12.92
N VAL C 102 -8.79 22.13 11.72
CA VAL C 102 -8.59 21.15 10.67
C VAL C 102 -7.34 20.38 11.07
N GLN C 103 -7.44 19.05 11.08
CA GLN C 103 -6.32 18.21 11.48
C GLN C 103 -5.69 17.44 10.34
N ASN C 104 -6.45 17.25 9.26
CA ASN C 104 -5.96 16.46 8.16
C ASN C 104 -6.76 16.73 6.91
N MET C 105 -6.07 16.81 5.78
CA MET C 105 -6.73 17.04 4.50
C MET C 105 -6.22 16.03 3.50
N VAL C 106 -7.13 15.37 2.80
CA VAL C 106 -6.73 14.41 1.79
C VAL C 106 -7.09 15.00 0.42
N PHE C 107 -6.10 15.11 -0.46
CA PHE C 107 -6.30 15.62 -1.83
C PHE C 107 -6.01 14.54 -2.86
N SER C 108 -6.69 14.60 -3.99
CA SER C 108 -6.39 13.66 -5.06
C SER C 108 -5.93 14.64 -6.13
N GLY C 109 -5.10 14.21 -7.08
CA GLY C 109 -4.68 15.16 -8.07
C GLY C 109 -3.94 14.56 -9.24
N ASP C 110 -3.29 15.42 -10.00
CA ASP C 110 -2.56 15.03 -11.18
C ASP C 110 -1.30 15.89 -11.23
N ILE C 111 -0.13 15.27 -11.44
CA ILE C 111 1.10 16.05 -11.48
C ILE C 111 1.62 16.46 -12.83
N GLY C 112 0.87 16.10 -13.88
CA GLY C 112 1.26 16.53 -15.22
C GLY C 112 1.70 15.48 -16.21
N ARG C 113 2.23 14.37 -15.73
CA ARG C 113 2.70 13.35 -16.64
C ARG C 113 2.72 11.99 -15.96
N GLU C 114 3.04 10.97 -16.76
CA GLU C 114 3.11 9.59 -16.31
C GLU C 114 4.51 9.21 -15.85
N PHE C 115 4.60 8.11 -15.12
CA PHE C 115 5.87 7.69 -14.59
C PHE C 115 6.04 6.21 -14.63
N ASN C 116 7.28 5.80 -14.80
CA ASN C 116 7.57 4.40 -14.74
C ASN C 116 8.04 4.25 -13.31
N LEU C 117 7.10 3.88 -12.44
CA LEU C 117 7.37 3.70 -11.03
C LEU C 117 8.59 2.84 -10.71
N ASP C 118 8.97 1.93 -11.61
CA ASP C 118 10.15 1.11 -11.33
C ASP C 118 11.35 2.03 -11.30
N VAL C 119 11.40 2.95 -12.25
CA VAL C 119 12.48 3.93 -12.34
C VAL C 119 12.39 4.87 -11.15
N VAL C 120 11.19 5.40 -10.89
CA VAL C 120 11.00 6.30 -9.76
C VAL C 120 11.50 5.66 -8.46
N ALA C 121 11.13 4.42 -8.22
CA ALA C 121 11.54 3.71 -7.02
C ALA C 121 13.05 3.61 -6.87
N LEU C 122 13.77 3.66 -7.99
CA LEU C 122 15.21 3.55 -7.96
C LEU C 122 15.94 4.88 -8.07
N THR C 123 15.22 5.98 -8.30
CA THR C 123 15.85 7.28 -8.42
C THR C 123 15.37 8.30 -7.39
N LEU C 124 14.09 8.20 -7.01
CA LEU C 124 13.51 9.09 -6.00
C LEU C 124 13.96 8.61 -4.62
N PRO C 125 14.71 9.46 -3.89
CA PRO C 125 15.18 9.05 -2.56
C PRO C 125 14.09 9.07 -1.49
N ASN C 126 14.14 8.08 -0.61
CA ASN C 126 13.20 7.95 0.51
C ASN C 126 11.75 7.72 0.13
N CYS C 127 11.53 6.76 -0.75
CA CYS C 127 10.18 6.41 -1.19
C CYS C 127 10.01 4.91 -1.06
N GLU C 128 8.76 4.46 -1.04
CA GLU C 128 8.49 3.03 -0.95
C GLU C 128 7.69 2.59 -2.16
N TYR C 129 7.94 1.37 -2.61
CA TYR C 129 7.19 0.84 -3.74
C TYR C 129 7.21 -0.67 -3.61
N GLU C 130 6.00 -1.22 -3.50
CA GLU C 130 5.82 -2.64 -3.35
C GLU C 130 4.56 -2.97 -4.15
N PRO C 131 4.70 -3.12 -5.48
CA PRO C 131 3.64 -3.44 -6.44
C PRO C 131 2.98 -4.81 -6.21
N GLU C 132 3.56 -5.57 -5.29
CA GLU C 132 3.03 -6.89 -4.93
C GLU C 132 1.94 -6.66 -3.88
N GLN C 133 1.97 -5.50 -3.24
CA GLN C 133 1.04 -5.11 -2.21
C GLN C 133 0.16 -3.89 -2.58
N PHE C 134 0.71 -2.91 -3.30
CA PHE C 134 -0.03 -1.69 -3.66
C PHE C 134 0.59 -1.08 -4.92
N PRO C 135 -0.22 -0.56 -5.84
CA PRO C 135 0.29 0.04 -7.09
C PRO C 135 0.92 1.44 -7.07
N GLY C 136 1.04 2.07 -5.92
CA GLY C 136 1.62 3.40 -5.91
C GLY C 136 2.90 3.56 -5.10
N VAL C 137 3.65 4.61 -5.43
CA VAL C 137 4.87 4.93 -4.72
C VAL C 137 4.50 5.75 -3.51
N ILE C 138 4.90 5.30 -2.33
CA ILE C 138 4.62 6.03 -1.11
C ILE C 138 5.79 6.95 -0.84
N TYR C 139 5.55 8.26 -0.82
CA TYR C 139 6.59 9.25 -0.59
C TYR C 139 6.30 10.13 0.63
N ARG C 140 7.20 10.09 1.61
CA ARG C 140 7.02 10.89 2.80
C ARG C 140 7.71 12.24 2.70
N VAL C 141 6.94 13.30 2.74
CA VAL C 141 7.46 14.65 2.70
C VAL C 141 7.73 15.08 4.15
N LYS C 142 8.98 15.42 4.42
CA LYS C 142 9.41 15.82 5.75
C LYS C 142 8.75 17.11 6.25
N GLU C 143 8.89 18.17 5.47
CA GLU C 143 8.31 19.45 5.83
C GLU C 143 7.75 20.06 4.56
N PRO C 144 6.43 20.29 4.51
CA PRO C 144 5.47 20.01 5.58
C PRO C 144 5.11 18.52 5.65
N LYS C 145 5.10 18.00 6.86
CA LYS C 145 4.82 16.59 7.14
C LYS C 145 3.56 16.08 6.43
N SER C 146 3.76 15.21 5.46
CA SER C 146 2.63 14.64 4.71
C SER C 146 3.09 13.48 3.85
N VAL C 147 2.13 12.78 3.26
CA VAL C 147 2.44 11.66 2.39
C VAL C 147 1.77 11.87 1.04
N ILE C 148 2.48 11.54 -0.04
CA ILE C 148 1.93 11.62 -1.38
C ILE C 148 2.04 10.22 -1.99
N LEU C 149 0.94 9.74 -2.55
CA LEU C 149 0.88 8.45 -3.22
C LEU C 149 0.96 8.81 -4.70
N LEU C 150 1.97 8.27 -5.39
CA LEU C 150 2.16 8.57 -6.79
C LEU C 150 1.90 7.32 -7.62
N PHE C 151 1.08 7.46 -8.65
CA PHE C 151 0.76 6.35 -9.52
C PHE C 151 1.31 6.57 -10.91
N SER C 152 1.44 5.47 -11.67
CA SER C 152 1.99 5.48 -13.03
C SER C 152 1.28 6.44 -13.95
N SER C 153 -0.02 6.58 -13.73
CA SER C 153 -0.84 7.49 -14.52
C SER C 153 -0.47 8.95 -14.24
N GLY C 154 0.25 9.20 -13.16
CA GLY C 154 0.61 10.56 -12.80
C GLY C 154 -0.38 11.14 -11.78
N LYS C 155 -1.44 10.39 -11.49
CA LYS C 155 -2.41 10.82 -10.49
C LYS C 155 -1.74 10.65 -9.14
N ILE C 156 -2.19 11.40 -8.13
CA ILE C 156 -1.59 11.32 -6.80
C ILE C 156 -2.66 11.50 -5.78
N VAL C 157 -2.29 11.21 -4.54
CA VAL C 157 -3.14 11.38 -3.38
C VAL C 157 -2.23 11.95 -2.30
N CYS C 158 -2.57 13.13 -1.77
CA CYS C 158 -1.77 13.75 -0.74
C CYS C 158 -2.52 13.75 0.60
N SER C 159 -1.93 13.19 1.64
CA SER C 159 -2.59 13.13 2.93
C SER C 159 -1.75 13.71 4.03
N GLY C 160 -2.42 14.23 5.05
CA GLY C 160 -1.69 14.73 6.20
C GLY C 160 -1.56 16.22 6.33
N ALA C 161 -1.54 16.94 5.21
CA ALA C 161 -1.42 18.40 5.26
C ALA C 161 -2.64 18.95 5.99
N LYS C 162 -2.48 20.08 6.66
CA LYS C 162 -3.58 20.67 7.41
C LYS C 162 -4.08 21.93 6.74
N SER C 163 -3.56 22.22 5.56
CA SER C 163 -4.01 23.39 4.80
C SER C 163 -3.74 23.12 3.32
N GLU C 164 -4.38 23.88 2.46
CA GLU C 164 -4.18 23.71 1.03
C GLU C 164 -2.80 24.10 0.54
N ALA C 165 -2.26 25.19 1.09
CA ALA C 165 -0.95 25.70 0.71
C ALA C 165 0.13 24.70 1.10
N ASP C 166 -0.11 23.94 2.16
CA ASP C 166 0.87 22.97 2.59
C ASP C 166 0.93 21.79 1.64
N ALA C 167 -0.24 21.36 1.15
CA ALA C 167 -0.32 20.24 0.24
C ALA C 167 0.34 20.64 -1.08
N TRP C 168 0.14 21.89 -1.49
CA TRP C 168 0.75 22.38 -2.71
C TRP C 168 2.29 22.42 -2.56
N GLU C 169 2.77 22.74 -1.36
CA GLU C 169 4.19 22.77 -1.09
C GLU C 169 4.74 21.34 -1.09
N ALA C 170 3.98 20.43 -0.50
CA ALA C 170 4.39 19.04 -0.47
C ALA C 170 4.52 18.49 -1.90
N VAL C 171 3.59 18.87 -2.78
CA VAL C 171 3.66 18.40 -4.17
C VAL C 171 4.82 19.07 -4.87
N ARG C 172 5.07 20.33 -4.54
CA ARG C 172 6.19 21.06 -5.15
C ARG C 172 7.50 20.35 -4.80
N LYS C 173 7.61 19.90 -3.55
CA LYS C 173 8.81 19.21 -3.09
C LYS C 173 9.03 17.87 -3.78
N LEU C 174 7.93 17.16 -4.06
CA LEU C 174 8.03 15.87 -4.75
C LEU C 174 8.40 16.15 -6.20
N LEU C 175 7.76 17.13 -6.81
CA LEU C 175 8.08 17.43 -8.20
C LEU C 175 9.52 17.93 -8.39
N ARG C 176 10.13 18.46 -7.33
CA ARG C 176 11.52 18.93 -7.40
C ARG C 176 12.43 17.72 -7.59
N GLU C 177 12.09 16.61 -6.94
CA GLU C 177 12.86 15.38 -7.05
C GLU C 177 12.62 14.66 -8.37
N LEU C 178 11.34 14.50 -8.75
CA LEU C 178 10.96 13.84 -9.99
C LEU C 178 11.54 14.52 -11.23
N ASP C 179 11.58 15.86 -11.20
CA ASP C 179 12.09 16.65 -12.33
C ASP C 179 13.60 16.70 -12.56
N LYS C 180 14.36 16.09 -11.65
CA LYS C 180 15.81 16.03 -11.82
C LYS C 180 16.13 14.98 -12.90
N TYR C 181 15.11 14.18 -13.26
CA TYR C 181 15.26 13.14 -14.28
C TYR C 181 14.14 13.26 -15.31
N ASN D 8 16.27 -16.32 22.89
CA ASN D 8 15.33 -15.88 21.86
C ASN D 8 15.88 -16.16 20.46
N LEU D 9 17.21 -16.13 20.36
CA LEU D 9 17.91 -16.40 19.10
C LEU D 9 17.79 -17.88 18.76
N ALA D 10 17.55 -18.70 19.78
CA ALA D 10 17.38 -20.13 19.62
C ALA D 10 16.00 -20.41 19.04
N PHE D 11 15.00 -19.70 19.53
CA PHE D 11 13.63 -19.86 19.04
C PHE D 11 13.54 -19.29 17.64
N ALA D 12 14.32 -18.24 17.39
CA ALA D 12 14.36 -17.57 16.09
C ALA D 12 14.78 -18.53 14.97
N LEU D 13 15.94 -19.16 15.15
CA LEU D 13 16.49 -20.10 14.17
C LEU D 13 15.57 -21.32 14.00
N SER D 14 14.82 -21.66 15.05
CA SER D 14 13.89 -22.80 15.01
C SER D 14 12.67 -22.54 14.12
N GLU D 15 12.22 -21.30 14.09
CA GLU D 15 11.08 -20.90 13.27
C GLU D 15 11.53 -20.84 11.82
N LEU D 16 12.80 -20.46 11.62
CA LEU D 16 13.43 -20.38 10.31
C LEU D 16 13.44 -21.77 9.68
N ASP D 17 13.61 -22.80 10.51
CA ASP D 17 13.62 -24.18 10.04
C ASP D 17 12.22 -24.57 9.57
N ARG D 18 11.19 -24.05 10.25
CA ARG D 18 9.81 -24.32 9.88
C ARG D 18 9.55 -23.64 8.53
N ILE D 19 9.96 -22.38 8.44
CA ILE D 19 9.81 -21.55 7.25
C ILE D 19 10.51 -22.20 6.05
N THR D 20 11.78 -22.53 6.24
CA THR D 20 12.59 -23.15 5.19
C THR D 20 12.09 -24.54 4.79
N ALA D 21 11.55 -25.27 5.74
CA ALA D 21 11.06 -26.61 5.47
C ALA D 21 9.75 -26.51 4.68
N GLN D 22 8.87 -25.61 5.14
CA GLN D 22 7.58 -25.41 4.51
C GLN D 22 7.71 -24.81 3.12
N LEU D 23 8.61 -23.84 2.98
CA LEU D 23 8.85 -23.18 1.69
C LEU D 23 9.87 -23.92 0.81
N LYS D 24 10.58 -24.87 1.42
CA LYS D 24 11.60 -25.69 0.76
C LYS D 24 12.79 -24.83 0.34
N LEU D 25 13.06 -23.81 1.15
CA LEU D 25 14.13 -22.87 0.90
C LEU D 25 15.52 -23.52 0.90
N PRO D 26 16.34 -23.22 -0.11
CA PRO D 26 17.69 -23.77 -0.20
C PRO D 26 18.60 -23.20 0.90
N ARG D 27 19.70 -23.90 1.18
CA ARG D 27 20.63 -23.51 2.22
C ARG D 27 21.14 -22.08 2.21
N HIS D 28 21.50 -21.56 1.04
CA HIS D 28 22.00 -20.20 0.96
C HIS D 28 20.97 -19.13 1.35
N VAL D 29 19.70 -19.39 1.08
CA VAL D 29 18.64 -18.44 1.42
C VAL D 29 18.37 -18.49 2.91
N GLU D 30 18.26 -19.71 3.44
CA GLU D 30 18.05 -19.90 4.86
C GLU D 30 19.20 -19.26 5.65
N GLU D 31 20.43 -19.48 5.19
CA GLU D 31 21.60 -18.90 5.84
C GLU D 31 21.64 -17.36 5.76
N GLU D 32 21.09 -16.80 4.68
CA GLU D 32 21.05 -15.35 4.54
C GLU D 32 20.02 -14.77 5.50
N ALA D 33 18.94 -15.52 5.70
CA ALA D 33 17.86 -15.12 6.62
C ALA D 33 18.41 -15.02 8.04
N ALA D 34 19.15 -16.05 8.45
CA ALA D 34 19.74 -16.12 9.77
C ALA D 34 20.76 -15.01 9.98
N ARG D 35 21.62 -14.79 8.97
CA ARG D 35 22.67 -13.79 9.02
C ARG D 35 22.08 -12.38 9.14
N LEU D 36 20.97 -12.15 8.44
CA LEU D 36 20.28 -10.86 8.46
C LEU D 36 19.72 -10.63 9.85
N TYR D 37 19.17 -11.70 10.43
CA TYR D 37 18.58 -11.64 11.76
C TYR D 37 19.58 -11.24 12.83
N ARG D 38 20.77 -11.84 12.80
CA ARG D 38 21.82 -11.52 13.78
C ARG D 38 22.39 -10.14 13.51
N GLU D 39 22.27 -9.70 12.26
CA GLU D 39 22.73 -8.39 11.83
C GLU D 39 21.73 -7.37 12.39
N ALA D 40 20.51 -7.83 12.62
CA ALA D 40 19.45 -7.00 13.17
C ALA D 40 19.55 -7.01 14.70
N VAL D 41 20.00 -8.13 15.25
CA VAL D 41 20.17 -8.31 16.70
C VAL D 41 21.11 -7.23 17.25
N ARG D 42 22.21 -7.02 16.55
CA ARG D 42 23.21 -6.02 16.91
C ARG D 42 22.61 -4.62 16.75
N LYS D 43 21.50 -4.53 16.01
CA LYS D 43 20.81 -3.27 15.78
C LYS D 43 19.43 -3.16 16.45
N GLY D 44 19.39 -3.49 17.73
CA GLY D 44 18.15 -3.39 18.49
C GLY D 44 17.01 -4.38 18.25
N LEU D 45 16.71 -4.68 16.98
CA LEU D 45 15.63 -5.60 16.64
C LEU D 45 14.34 -4.94 17.15
N ILE D 46 14.39 -3.60 17.21
CA ILE D 46 13.29 -2.77 17.72
C ILE D 46 13.04 -3.08 19.19
N ARG D 47 12.43 -2.14 19.88
CA ARG D 47 12.13 -2.30 21.29
C ARG D 47 11.45 -3.65 21.56
N GLY D 48 10.42 -3.94 20.78
CA GLY D 48 9.71 -5.19 20.96
C GLY D 48 9.04 -5.75 19.72
N ARG D 49 9.74 -5.74 18.60
CA ARG D 49 9.18 -6.29 17.37
C ARG D 49 9.28 -7.80 17.51
N SER D 50 8.11 -8.46 17.49
CA SER D 50 7.98 -9.91 17.61
C SER D 50 9.11 -10.75 17.00
N ILE D 51 9.48 -11.83 17.68
CA ILE D 51 10.54 -12.73 17.20
C ILE D 51 10.07 -13.53 15.99
N GLU D 52 8.75 -13.61 15.80
CA GLU D 52 8.15 -14.32 14.67
C GLU D 52 8.06 -13.39 13.45
N SER D 53 7.84 -12.10 13.70
CA SER D 53 7.72 -11.09 12.64
C SER D 53 9.03 -10.79 11.92
N VAL D 54 10.10 -10.59 12.69
CA VAL D 54 11.41 -10.28 12.15
C VAL D 54 12.02 -11.38 11.27
N MET D 55 11.85 -12.65 11.65
CA MET D 55 12.39 -13.78 10.88
C MET D 55 11.66 -14.03 9.56
N ALA D 56 10.33 -13.84 9.56
CA ALA D 56 9.51 -14.01 8.36
C ALA D 56 9.84 -12.85 7.42
N ALA D 57 10.31 -11.75 8.02
CA ALA D 57 10.71 -10.54 7.29
C ALA D 57 12.02 -10.90 6.62
N CYS D 58 12.96 -11.38 7.43
CA CYS D 58 14.28 -11.79 6.97
C CYS D 58 14.22 -12.77 5.80
N VAL D 59 13.39 -13.81 5.90
CA VAL D 59 13.31 -14.79 4.81
C VAL D 59 12.78 -14.14 3.53
N TYR D 60 11.96 -13.10 3.68
CA TYR D 60 11.39 -12.37 2.54
C TYR D 60 12.53 -11.58 1.87
N ALA D 61 13.28 -10.85 2.68
CA ALA D 61 14.42 -10.06 2.22
C ALA D 61 15.55 -10.95 1.70
N ALA D 62 15.65 -12.15 2.25
CA ALA D 62 16.68 -13.09 1.85
C ALA D 62 16.37 -13.56 0.45
N CYS D 63 15.12 -13.94 0.24
CA CYS D 63 14.67 -14.41 -1.06
C CYS D 63 14.83 -13.32 -2.12
N ARG D 64 14.65 -12.08 -1.70
CA ARG D 64 14.75 -10.92 -2.59
C ARG D 64 16.19 -10.65 -2.92
N LEU D 65 17.04 -10.65 -1.90
CA LEU D 65 18.47 -10.39 -2.09
C LEU D 65 19.12 -11.44 -2.98
N LEU D 66 18.68 -12.69 -2.84
CA LEU D 66 19.22 -13.80 -3.61
C LEU D 66 18.50 -14.15 -4.89
N LYS D 67 17.43 -13.44 -5.17
CA LYS D 67 16.63 -13.65 -6.39
C LYS D 67 15.87 -14.97 -6.44
N VAL D 68 15.53 -15.50 -5.27
CA VAL D 68 14.77 -16.74 -5.14
C VAL D 68 13.37 -16.26 -4.80
N PRO D 69 12.53 -16.08 -5.83
CA PRO D 69 11.14 -15.62 -5.72
C PRO D 69 10.30 -16.30 -4.66
N ARG D 70 9.60 -15.49 -3.86
CA ARG D 70 8.76 -16.01 -2.82
C ARG D 70 7.73 -14.97 -2.38
N THR D 71 6.62 -14.93 -3.12
CA THR D 71 5.52 -14.01 -2.88
C THR D 71 5.19 -13.90 -1.40
N LEU D 72 5.06 -12.66 -0.91
CA LEU D 72 4.73 -12.37 0.49
C LEU D 72 3.52 -13.17 1.00
N ASP D 73 2.71 -13.69 0.08
CA ASP D 73 1.55 -14.51 0.41
C ASP D 73 2.07 -15.83 0.97
N GLU D 74 2.91 -16.48 0.17
CA GLU D 74 3.53 -17.77 0.47
C GLU D 74 4.22 -17.80 1.84
N ILE D 75 4.91 -16.71 2.21
CA ILE D 75 5.59 -16.62 3.51
C ILE D 75 4.64 -16.24 4.65
N ALA D 76 3.55 -15.54 4.32
CA ALA D 76 2.57 -15.09 5.31
C ALA D 76 1.77 -16.21 6.00
N ASP D 77 1.26 -17.17 5.23
CA ASP D 77 0.47 -18.27 5.80
C ASP D 77 1.23 -19.33 6.58
N ILE D 78 2.35 -19.80 6.02
CA ILE D 78 3.17 -20.83 6.68
C ILE D 78 3.82 -20.32 7.96
N ALA D 79 3.84 -19.00 8.12
CA ALA D 79 4.42 -18.37 9.31
C ALA D 79 3.33 -18.01 10.32
N ARG D 80 2.09 -18.33 9.97
CA ARG D 80 0.92 -18.06 10.83
C ARG D 80 0.83 -16.58 11.23
N VAL D 81 0.48 -15.71 10.27
CA VAL D 81 0.36 -14.27 10.52
C VAL D 81 -0.09 -13.51 9.26
N ASP D 82 -0.02 -12.17 9.28
CA ASP D 82 -0.43 -11.34 8.14
C ASP D 82 0.59 -10.30 7.66
N LYS D 83 0.25 -9.68 6.53
CA LYS D 83 1.08 -8.67 5.90
C LYS D 83 1.31 -7.44 6.77
N LYS D 84 0.58 -7.32 7.86
CA LYS D 84 0.72 -6.16 8.75
C LYS D 84 2.10 -6.02 9.39
N GLU D 85 2.30 -6.66 10.55
CA GLU D 85 3.58 -6.58 11.25
C GLU D 85 4.71 -7.12 10.38
N ILE D 86 4.39 -8.08 9.50
CA ILE D 86 5.36 -8.66 8.58
C ILE D 86 5.95 -7.49 7.77
N GLY D 87 5.07 -6.75 7.09
CA GLY D 87 5.49 -5.64 6.27
C GLY D 87 6.24 -4.55 7.00
N ARG D 88 5.82 -4.22 8.22
CA ARG D 88 6.46 -3.17 8.99
C ARG D 88 7.87 -3.57 9.42
N SER D 89 8.03 -4.81 9.85
CA SER D 89 9.34 -5.32 10.26
C SER D 89 10.24 -5.42 9.05
N TYR D 90 9.68 -5.88 7.92
CA TYR D 90 10.43 -6.01 6.68
C TYR D 90 10.96 -4.63 6.34
N ARG D 91 10.02 -3.73 6.03
CA ARG D 91 10.33 -2.35 5.69
C ARG D 91 11.27 -1.72 6.70
N PHE D 92 11.15 -2.12 7.96
CA PHE D 92 12.00 -1.57 9.01
C PHE D 92 13.42 -2.11 8.93
N ILE D 93 13.56 -3.43 9.05
CA ILE D 93 14.85 -4.12 8.99
C ILE D 93 15.56 -3.88 7.67
N ALA D 94 14.79 -3.57 6.63
CA ALA D 94 15.30 -3.31 5.29
C ALA D 94 16.27 -2.13 5.27
N ARG D 95 15.73 -0.91 5.40
CA ARG D 95 16.58 0.27 5.40
C ARG D 95 17.28 0.49 6.73
N ASN D 96 16.92 -0.30 7.73
CA ASN D 96 17.57 -0.23 9.03
C ASN D 96 18.96 -0.85 8.83
N LEU D 97 19.05 -1.70 7.81
CA LEU D 97 20.30 -2.35 7.47
C LEU D 97 20.95 -1.68 6.26
N ASN D 98 21.71 -2.45 5.50
CA ASN D 98 22.39 -1.91 4.32
C ASN D 98 21.57 -2.14 3.04
N LEU D 99 20.38 -2.70 3.21
CA LEU D 99 19.46 -3.05 2.12
C LEU D 99 18.91 -1.91 1.27
N THR D 100 19.19 -1.96 -0.02
CA THR D 100 18.71 -0.93 -0.95
C THR D 100 17.64 -1.47 -1.89
N PRO D 101 16.77 -0.58 -2.41
CA PRO D 101 15.72 -1.01 -3.34
C PRO D 101 16.32 -1.72 -4.54
N LYS D 102 17.54 -1.35 -4.91
CA LYS D 102 18.18 -2.00 -6.04
C LYS D 102 18.53 -3.44 -5.68
N LYS D 103 19.11 -3.64 -4.50
CA LYS D 103 19.49 -4.97 -4.08
C LYS D 103 18.31 -5.87 -3.82
N LEU D 104 17.21 -5.29 -3.34
CA LEU D 104 15.98 -6.04 -3.03
C LEU D 104 15.06 -6.09 -4.25
N PHE D 105 15.47 -5.45 -5.33
CA PHE D 105 14.67 -5.41 -6.55
C PHE D 105 14.53 -6.77 -7.19
N VAL D 106 13.30 -7.21 -7.40
CA VAL D 106 13.07 -8.50 -8.03
C VAL D 106 12.21 -8.26 -9.27
N LYS D 107 12.72 -8.69 -10.41
CA LYS D 107 12.03 -8.56 -11.67
C LYS D 107 11.03 -9.69 -11.83
N PRO D 108 10.02 -9.50 -12.68
CA PRO D 108 8.99 -10.51 -12.93
C PRO D 108 9.65 -11.76 -13.54
N THR D 109 10.74 -11.54 -14.28
CA THR D 109 11.50 -12.63 -14.89
C THR D 109 12.12 -13.52 -13.83
N ASP D 110 12.29 -12.99 -12.62
CA ASP D 110 12.88 -13.74 -11.52
C ASP D 110 11.95 -14.85 -11.02
N TYR D 111 10.67 -14.77 -11.40
CA TYR D 111 9.67 -15.76 -11.00
C TYR D 111 9.44 -16.81 -12.08
N VAL D 112 9.88 -16.54 -13.31
CA VAL D 112 9.64 -17.48 -14.41
C VAL D 112 10.11 -18.91 -14.18
N ASN D 113 11.30 -19.07 -13.61
CA ASN D 113 11.84 -20.39 -13.37
C ASN D 113 11.05 -21.18 -12.35
N LYS D 114 10.75 -20.56 -11.20
CA LYS D 114 9.99 -21.28 -10.17
C LYS D 114 8.65 -21.71 -10.74
N PHE D 115 7.89 -20.76 -11.28
CA PHE D 115 6.57 -21.08 -11.82
C PHE D 115 6.61 -22.05 -12.97
N ALA D 116 7.67 -22.00 -13.77
CA ALA D 116 7.80 -22.91 -14.92
C ALA D 116 8.10 -24.31 -14.46
N ASP D 117 8.81 -24.43 -13.34
CA ASP D 117 9.14 -25.72 -12.75
C ASP D 117 7.85 -26.38 -12.29
N GLU D 118 6.98 -25.61 -11.63
CA GLU D 118 5.69 -26.11 -11.15
C GLU D 118 4.74 -26.45 -12.30
N LEU D 119 4.86 -25.76 -13.43
CA LEU D 119 3.98 -26.01 -14.56
C LEU D 119 4.43 -27.14 -15.48
N GLY D 120 5.67 -27.56 -15.36
CA GLY D 120 6.15 -28.60 -16.25
C GLY D 120 7.05 -27.97 -17.29
N LEU D 121 8.11 -27.34 -16.78
CA LEU D 121 9.21 -26.69 -17.51
C LEU D 121 9.20 -26.35 -19.01
N SER D 122 10.36 -26.61 -19.61
CA SER D 122 10.73 -26.40 -21.01
C SER D 122 11.39 -25.07 -21.15
N GLU D 123 12.70 -25.11 -21.36
CA GLU D 123 13.50 -23.90 -21.50
C GLU D 123 13.01 -23.01 -22.63
N LYS D 124 12.42 -23.62 -23.66
CA LYS D 124 11.88 -22.86 -24.79
C LYS D 124 10.81 -21.92 -24.30
N VAL D 125 9.88 -22.45 -23.49
CA VAL D 125 8.76 -21.70 -22.92
C VAL D 125 9.25 -20.59 -21.98
N ARG D 126 10.18 -20.95 -21.10
CA ARG D 126 10.75 -20.02 -20.13
C ARG D 126 11.42 -18.88 -20.85
N ARG D 127 12.03 -19.19 -21.98
CA ARG D 127 12.72 -18.20 -22.78
C ARG D 127 11.74 -17.24 -23.43
N ARG D 128 10.64 -17.76 -23.98
CA ARG D 128 9.66 -16.91 -24.64
C ARG D 128 8.94 -16.03 -23.63
N ALA D 129 8.77 -16.53 -22.40
CA ALA D 129 8.11 -15.78 -21.34
C ALA D 129 8.97 -14.63 -20.88
N ILE D 130 10.27 -14.88 -20.79
CA ILE D 130 11.23 -13.86 -20.38
C ILE D 130 11.31 -12.80 -21.48
N GLU D 131 11.22 -13.23 -22.73
CA GLU D 131 11.27 -12.29 -23.86
C GLU D 131 10.05 -11.39 -23.84
N ILE D 132 8.88 -11.98 -23.57
CA ILE D 132 7.62 -11.21 -23.49
C ILE D 132 7.71 -10.22 -22.32
N LEU D 133 8.22 -10.70 -21.19
CA LEU D 133 8.38 -9.88 -20.01
C LEU D 133 9.40 -8.76 -20.25
N ASP D 134 10.53 -9.07 -20.90
CA ASP D 134 11.54 -8.05 -21.18
C ASP D 134 10.96 -7.01 -22.12
N GLU D 135 10.25 -7.49 -23.15
CA GLU D 135 9.63 -6.62 -24.14
C GLU D 135 8.50 -5.77 -23.54
N ALA D 136 7.78 -6.32 -22.56
CA ALA D 136 6.68 -5.57 -21.93
C ALA D 136 7.23 -4.36 -21.17
N TYR D 137 8.38 -4.55 -20.51
CA TYR D 137 9.01 -3.48 -19.75
C TYR D 137 9.44 -2.34 -20.69
N LYS D 138 10.15 -2.70 -21.76
CA LYS D 138 10.63 -1.73 -22.76
C LYS D 138 9.51 -0.91 -23.36
N ARG D 139 8.36 -1.55 -23.57
CA ARG D 139 7.20 -0.87 -24.14
C ARG D 139 6.37 -0.23 -23.04
N GLY D 140 6.95 -0.13 -21.84
CA GLY D 140 6.26 0.47 -20.71
C GLY D 140 4.84 0.00 -20.49
N LEU D 141 4.66 -1.29 -20.23
CA LEU D 141 3.32 -1.87 -20.01
C LEU D 141 3.21 -2.56 -18.65
N THR D 142 4.23 -2.37 -17.82
CA THR D 142 4.31 -3.08 -16.56
C THR D 142 4.17 -2.28 -15.28
N SER D 143 4.49 -1.00 -15.34
CA SER D 143 4.43 -0.13 -14.16
C SER D 143 3.11 -0.21 -13.40
N GLY D 144 3.19 -0.49 -12.10
CA GLY D 144 1.99 -0.56 -11.28
C GLY D 144 1.35 -1.92 -11.18
N LYS D 145 1.55 -2.78 -12.18
CA LYS D 145 0.99 -4.15 -12.18
C LYS D 145 1.77 -5.03 -11.23
N SER D 146 1.12 -6.06 -10.68
CA SER D 146 1.82 -6.95 -9.76
C SER D 146 2.66 -7.93 -10.57
N PRO D 147 3.85 -8.31 -10.06
CA PRO D 147 4.76 -9.23 -10.74
C PRO D 147 4.08 -10.58 -11.10
N ALA D 148 3.35 -11.15 -10.15
CA ALA D 148 2.65 -12.42 -10.36
C ALA D 148 1.64 -12.38 -11.51
N GLY D 149 0.89 -11.29 -11.63
CA GLY D 149 -0.06 -11.18 -12.71
C GLY D 149 0.59 -11.13 -14.09
N LEU D 150 1.71 -10.41 -14.18
CA LEU D 150 2.44 -10.26 -15.42
C LEU D 150 3.14 -11.54 -15.83
N VAL D 151 3.77 -12.21 -14.87
CA VAL D 151 4.48 -13.45 -15.14
C VAL D 151 3.51 -14.55 -15.48
N ALA D 152 2.32 -14.51 -14.87
CA ALA D 152 1.29 -15.50 -15.14
C ALA D 152 0.85 -15.41 -16.60
N ALA D 153 0.57 -14.20 -17.06
CA ALA D 153 0.14 -13.96 -18.44
C ALA D 153 1.22 -14.31 -19.44
N ALA D 154 2.45 -13.91 -19.14
CA ALA D 154 3.58 -14.20 -20.00
C ALA D 154 3.74 -15.71 -20.14
N LEU D 155 3.74 -16.41 -19.00
CA LEU D 155 3.88 -17.87 -19.00
C LEU D 155 2.75 -18.51 -19.78
N TYR D 156 1.54 -17.98 -19.59
CA TYR D 156 0.38 -18.49 -20.30
C TYR D 156 0.57 -18.30 -21.81
N ILE D 157 0.93 -17.09 -22.22
CA ILE D 157 1.13 -16.78 -23.64
C ILE D 157 2.24 -17.61 -24.25
N ALA D 158 3.34 -17.79 -23.53
CA ALA D 158 4.47 -18.57 -24.02
C ALA D 158 4.11 -20.06 -24.22
N SER D 159 3.37 -20.64 -23.27
CA SER D 159 2.96 -22.03 -23.39
C SER D 159 2.19 -22.20 -24.70
N LEU D 160 1.37 -21.22 -25.05
CA LEU D 160 0.61 -21.25 -26.30
C LEU D 160 1.54 -21.17 -27.52
N LEU D 161 2.39 -20.14 -27.53
CA LEU D 161 3.32 -19.92 -28.63
C LEU D 161 4.24 -21.09 -28.89
N GLU D 162 4.71 -21.74 -27.83
CA GLU D 162 5.62 -22.87 -27.95
C GLU D 162 4.93 -24.24 -28.09
N GLY D 163 3.61 -24.25 -28.16
CA GLY D 163 2.89 -25.51 -28.31
C GLY D 163 2.88 -26.42 -27.09
N GLU D 164 3.05 -25.83 -25.92
CA GLU D 164 3.00 -26.57 -24.66
C GLU D 164 1.93 -25.85 -23.82
N LYS D 165 0.73 -25.73 -24.38
CA LYS D 165 -0.37 -25.03 -23.71
C LYS D 165 -0.64 -25.44 -22.30
N ARG D 166 -0.90 -24.45 -21.46
CA ARG D 166 -1.24 -24.66 -20.07
C ARG D 166 -2.48 -23.77 -19.96
N THR D 167 -3.49 -24.18 -19.22
CA THR D 167 -4.71 -23.37 -19.10
C THR D 167 -4.56 -22.14 -18.19
N GLN D 168 -5.44 -21.16 -18.34
CA GLN D 168 -5.38 -19.97 -17.49
C GLN D 168 -5.56 -20.39 -16.05
N ARG D 169 -6.35 -21.44 -15.83
CA ARG D 169 -6.58 -21.94 -14.48
C ARG D 169 -5.31 -22.54 -13.88
N GLU D 170 -4.55 -23.28 -14.69
CA GLU D 170 -3.31 -23.89 -14.20
C GLU D 170 -2.27 -22.83 -13.87
N VAL D 171 -2.16 -21.85 -14.76
CA VAL D 171 -1.20 -20.76 -14.56
C VAL D 171 -1.61 -19.87 -13.37
N ALA D 172 -2.90 -19.56 -13.26
CA ALA D 172 -3.43 -18.73 -12.17
C ALA D 172 -3.14 -19.33 -10.80
N GLU D 173 -3.26 -20.65 -10.70
CA GLU D 173 -3.02 -21.36 -9.45
C GLU D 173 -1.57 -21.43 -9.01
N VAL D 174 -0.61 -21.53 -9.93
CA VAL D 174 0.77 -21.58 -9.49
C VAL D 174 1.26 -20.17 -9.15
N ALA D 175 0.79 -19.19 -9.92
CA ALA D 175 1.15 -17.77 -9.72
C ALA D 175 0.37 -17.17 -8.54
N ARG D 176 -0.71 -17.85 -8.16
CA ARG D 176 -1.55 -17.41 -7.06
C ARG D 176 -2.31 -16.11 -7.31
N VAL D 177 -2.88 -15.99 -8.51
CA VAL D 177 -3.71 -14.83 -8.89
C VAL D 177 -4.99 -15.45 -9.44
N THR D 178 -6.01 -14.63 -9.67
CA THR D 178 -7.26 -15.16 -10.20
C THR D 178 -7.15 -15.29 -11.71
N GLU D 179 -8.12 -15.99 -12.31
CA GLU D 179 -8.15 -16.15 -13.74
C GLU D 179 -8.48 -14.83 -14.39
N VAL D 180 -9.25 -14.00 -13.69
CA VAL D 180 -9.62 -12.70 -14.21
C VAL D 180 -8.33 -11.86 -14.36
N THR D 181 -7.47 -11.91 -13.36
CA THR D 181 -6.21 -11.19 -13.42
C THR D 181 -5.34 -11.68 -14.58
N VAL D 182 -5.29 -13.00 -14.80
CA VAL D 182 -4.50 -13.56 -15.88
C VAL D 182 -5.11 -13.13 -17.20
N ARG D 183 -6.44 -13.14 -17.26
CA ARG D 183 -7.12 -12.76 -18.49
C ARG D 183 -6.80 -11.29 -18.82
N ASN D 184 -6.83 -10.45 -17.80
CA ASN D 184 -6.54 -9.01 -17.94
C ASN D 184 -5.11 -8.75 -18.44
N ARG D 185 -4.11 -9.32 -17.76
CA ARG D 185 -2.72 -9.13 -18.16
C ARG D 185 -2.41 -9.72 -19.51
N TYR D 186 -2.94 -10.91 -19.75
CA TYR D 186 -2.71 -11.61 -21.00
C TYR D 186 -3.29 -10.90 -22.21
N LYS D 187 -4.50 -10.38 -22.09
CA LYS D 187 -5.15 -9.67 -23.20
C LYS D 187 -4.43 -8.37 -23.54
N GLU D 188 -3.90 -7.70 -22.52
CA GLU D 188 -3.16 -6.47 -22.71
C GLU D 188 -1.84 -6.74 -23.41
N LEU D 189 -1.12 -7.76 -22.93
CA LEU D 189 0.16 -8.13 -23.50
C LEU D 189 0.01 -8.56 -24.95
N VAL D 190 -1.02 -9.35 -25.24
CA VAL D 190 -1.21 -9.80 -26.61
C VAL D 190 -1.46 -8.62 -27.57
N GLU D 191 -2.37 -7.72 -27.21
CA GLU D 191 -2.69 -6.59 -28.08
C GLU D 191 -1.58 -5.54 -28.20
N LYS D 192 -1.05 -5.11 -27.07
CA LYS D 192 0.01 -4.10 -27.04
C LYS D 192 1.37 -4.57 -27.53
N LEU D 193 1.61 -5.88 -27.55
CA LEU D 193 2.90 -6.36 -28.04
C LEU D 193 2.68 -7.02 -29.40
N LYS D 194 1.43 -7.02 -29.85
CA LYS D 194 1.05 -7.63 -31.13
C LYS D 194 1.57 -9.07 -31.30
N ILE D 195 1.23 -9.91 -30.33
CA ILE D 195 1.63 -11.31 -30.32
C ILE D 195 0.59 -12.10 -31.12
N LYS D 196 1.05 -12.98 -32.00
CA LYS D 196 0.14 -13.80 -32.78
C LYS D 196 0.03 -15.16 -32.11
N VAL D 197 -0.93 -15.28 -31.20
CA VAL D 197 -1.14 -16.51 -30.45
C VAL D 197 -1.92 -17.53 -31.30
N PRO D 198 -1.39 -18.77 -31.42
CA PRO D 198 -2.09 -19.78 -32.21
C PRO D 198 -3.39 -20.28 -31.56
N ILE D 199 -4.17 -21.06 -32.31
CA ILE D 199 -5.43 -21.63 -31.85
C ILE D 199 -5.29 -22.88 -30.92
N ALA D 200 -6.12 -23.91 -31.10
CA ALA D 200 -6.04 -25.11 -30.23
C ALA D 200 -6.00 -26.48 -30.96
#